data_1V9A
#
_entry.id   1V9A
#
_cell.length_a   59.982
_cell.length_b   63.810
_cell.length_c   132.422
_cell.angle_alpha   90.00
_cell.angle_beta   90.00
_cell.angle_gamma   90.00
#
_symmetry.space_group_name_H-M   'P 21 21 21'
#
loop_
_entity.id
_entity.type
_entity.pdbx_description
1 polymer 'Uroporphyrin-III C-methyltransferase'
2 non-polymer 'CITRATE ANION'
3 non-polymer S-ADENOSYL-L-HOMOCYSTEINE
4 water water
#
_entity_poly.entity_id   1
_entity_poly.type   'polypeptide(L)'
_entity_poly.pdbx_seq_one_letter_code
;GRVYLVGAGPGDPELLTLKAYRLLKEAPVVLYDRLVDERVLALAPGEKVYVGKEEGESEKQEEIHRLLLRHARAHPFVVR
LKGGDPMVFGRGGEEVLFLLRHGVPVEVVPGVTSLLASGLPLTHRGLAHGFAAVSGVLEGGGYPDLRPFARVPTLVVLMG
VGRRVWIAKELLRLGRDPREPTLFVERASTPKERRVHARLEEVAEGKVEVRPPALWILGEVVRVFAEKEAPVDALALGG
;
_entity_poly.pdbx_strand_id   A,B
#
loop_
_chem_comp.id
_chem_comp.type
_chem_comp.name
_chem_comp.formula
FLC non-polymer 'CITRATE ANION' 'C6 H5 O7 -3'
#
# COMPACT_ATOMS: atom_id res chain seq x y z
N GLY A 1 -6.88 -9.59 26.48
CA GLY A 1 -7.08 -10.40 25.25
C GLY A 1 -6.20 -9.91 24.11
N ARG A 2 -6.50 -10.36 22.91
CA ARG A 2 -5.74 -9.99 21.72
C ARG A 2 -6.25 -8.73 21.04
N VAL A 3 -5.34 -7.98 20.44
CA VAL A 3 -5.73 -6.77 19.71
C VAL A 3 -5.49 -6.98 18.22
N TYR A 4 -6.55 -6.81 17.43
CA TYR A 4 -6.42 -6.90 15.97
C TYR A 4 -6.33 -5.47 15.48
N LEU A 5 -5.24 -5.13 14.79
CA LEU A 5 -5.06 -3.78 14.24
C LEU A 5 -5.56 -3.92 12.81
N VAL A 6 -6.71 -3.32 12.54
CA VAL A 6 -7.36 -3.49 11.25
C VAL A 6 -7.49 -2.28 10.33
N GLY A 7 -7.19 -2.51 9.06
CA GLY A 7 -7.30 -1.47 8.07
C GLY A 7 -8.74 -1.41 7.61
N ALA A 8 -9.35 -0.22 7.69
CA ALA A 8 -10.75 -0.07 7.27
C ALA A 8 -10.92 0.19 5.78
N GLY A 9 -9.81 0.41 5.08
CA GLY A 9 -9.93 0.71 3.67
C GLY A 9 -10.18 2.21 3.55
N PRO A 10 -10.17 2.79 2.34
CA PRO A 10 -10.38 4.23 2.14
C PRO A 10 -11.78 4.80 2.43
N GLY A 11 -12.78 3.94 2.64
CA GLY A 11 -14.12 4.44 2.93
C GLY A 11 -15.26 3.54 2.47
N ASP A 12 -15.24 3.17 1.20
CA ASP A 12 -16.26 2.29 0.65
C ASP A 12 -16.24 0.99 1.48
N PRO A 13 -17.35 0.63 2.11
CA PRO A 13 -17.34 -0.60 2.90
C PRO A 13 -16.99 -1.85 2.12
N GLU A 14 -17.15 -1.76 0.79
CA GLU A 14 -16.84 -2.89 -0.06
C GLU A 14 -15.34 -3.08 -0.24
N LEU A 15 -14.56 -2.11 0.22
CA LEU A 15 -13.12 -2.23 0.09
C LEU A 15 -12.48 -2.72 1.39
N LEU A 16 -13.32 -3.16 2.32
CA LEU A 16 -12.83 -3.74 3.55
C LEU A 16 -12.34 -5.11 3.06
N THR A 17 -11.40 -5.73 3.78
CA THR A 17 -10.96 -7.06 3.41
C THR A 17 -11.98 -8.00 4.04
N LEU A 18 -12.02 -9.25 3.59
CA LEU A 18 -12.92 -10.22 4.20
C LEU A 18 -12.59 -10.38 5.68
N LYS A 19 -11.30 -10.39 5.99
CA LYS A 19 -10.85 -10.57 7.37
C LYS A 19 -11.29 -9.39 8.24
N ALA A 20 -11.11 -8.17 7.74
CA ALA A 20 -11.53 -6.98 8.47
C ALA A 20 -13.03 -7.04 8.75
N TYR A 21 -13.78 -7.43 7.72
CA TYR A 21 -15.23 -7.52 7.83
C TYR A 21 -15.63 -8.52 8.90
N ARG A 22 -14.99 -9.69 8.89
CA ARG A 22 -15.28 -10.73 9.86
C ARG A 22 -15.03 -10.23 11.30
N LEU A 23 -13.89 -9.59 11.51
CA LEU A 23 -13.55 -9.09 12.83
C LEU A 23 -14.52 -8.01 13.32
N LEU A 24 -14.85 -7.06 12.44
CA LEU A 24 -15.76 -5.98 12.78
C LEU A 24 -17.15 -6.47 13.16
N LYS A 25 -17.63 -7.48 12.44
CA LYS A 25 -18.96 -8.04 12.73
C LYS A 25 -18.99 -8.79 14.06
N GLU A 26 -17.84 -9.28 14.52
CA GLU A 26 -17.78 -10.06 15.75
C GLU A 26 -17.20 -9.40 16.98
N ALA A 27 -16.41 -8.35 16.79
CA ALA A 27 -15.76 -7.67 17.89
C ALA A 27 -16.69 -7.16 18.98
N PRO A 28 -16.36 -7.43 20.25
CA PRO A 28 -17.24 -6.94 21.30
C PRO A 28 -16.99 -5.44 21.44
N VAL A 29 -15.80 -5.01 21.02
CA VAL A 29 -15.43 -3.60 21.06
C VAL A 29 -14.60 -3.22 19.83
N VAL A 30 -14.88 -2.05 19.29
CA VAL A 30 -14.15 -1.53 18.15
C VAL A 30 -13.63 -0.16 18.58
N LEU A 31 -12.32 -0.01 18.58
CA LEU A 31 -11.68 1.25 18.95
C LEU A 31 -11.29 1.86 17.62
N TYR A 32 -12.09 2.82 17.17
CA TYR A 32 -11.80 3.42 15.89
C TYR A 32 -11.10 4.75 15.91
N ASP A 33 -10.27 4.89 14.89
CA ASP A 33 -9.46 6.05 14.62
C ASP A 33 -10.31 7.06 13.87
N ARG A 34 -9.70 8.17 13.49
CA ARG A 34 -10.40 9.22 12.77
C ARG A 34 -10.30 8.91 11.27
N LEU A 35 -11.24 9.42 10.49
CA LEU A 35 -11.25 9.18 9.04
C LEU A 35 -11.63 7.75 8.68
N VAL A 36 -12.31 7.09 9.61
CA VAL A 36 -12.79 5.74 9.35
C VAL A 36 -14.21 6.04 8.89
N ASP A 37 -14.55 5.61 7.68
CA ASP A 37 -15.88 5.90 7.11
C ASP A 37 -17.06 5.47 7.99
N GLU A 38 -18.05 6.34 8.06
CA GLU A 38 -19.25 6.09 8.86
C GLU A 38 -19.98 4.81 8.44
N ARG A 39 -19.86 4.44 7.16
CA ARG A 39 -20.50 3.22 6.66
C ARG A 39 -19.78 1.96 7.11
N VAL A 40 -18.49 2.10 7.38
CA VAL A 40 -17.70 0.96 7.85
C VAL A 40 -18.11 0.69 9.30
N LEU A 41 -18.14 1.74 10.12
CA LEU A 41 -18.51 1.60 11.52
C LEU A 41 -19.93 1.08 11.75
N ALA A 42 -20.87 1.46 10.89
CA ALA A 42 -22.25 1.02 11.03
C ALA A 42 -22.37 -0.49 10.91
N LEU A 43 -21.34 -1.13 10.38
CA LEU A 43 -21.31 -2.58 10.21
C LEU A 43 -20.96 -3.32 11.50
N ALA A 44 -20.31 -2.62 12.42
CA ALA A 44 -19.91 -3.22 13.67
C ALA A 44 -21.00 -3.08 14.74
N PRO A 45 -21.53 -4.22 15.21
CA PRO A 45 -22.58 -4.23 16.23
C PRO A 45 -22.05 -4.04 17.65
N GLY A 46 -20.75 -4.22 17.81
CA GLY A 46 -20.17 -4.09 19.13
C GLY A 46 -20.06 -2.68 19.66
N GLU A 47 -19.49 -2.57 20.85
CA GLU A 47 -19.27 -1.29 21.48
C GLU A 47 -18.25 -0.52 20.63
N LYS A 48 -18.62 0.69 20.22
CA LYS A 48 -17.71 1.48 19.39
C LYS A 48 -17.19 2.62 20.22
N VAL A 49 -15.87 2.76 20.27
CA VAL A 49 -15.22 3.81 21.03
C VAL A 49 -14.26 4.58 20.15
N TYR A 50 -14.47 5.89 20.04
CA TYR A 50 -13.56 6.71 19.23
C TYR A 50 -12.26 6.80 20.02
N VAL A 51 -11.18 6.41 19.36
CA VAL A 51 -9.90 6.40 20.00
C VAL A 51 -8.86 6.91 19.01
N GLY A 52 -8.57 8.20 19.14
CA GLY A 52 -7.61 8.84 18.26
C GLY A 52 -7.56 10.33 18.53
N LYS A 53 -7.29 11.12 17.48
CA LYS A 53 -7.22 12.58 17.66
C LYS A 53 -6.02 13.12 16.90
N LYS A 60 -3.31 12.88 23.07
CA LYS A 60 -1.99 12.43 22.64
C LYS A 60 -1.93 10.89 22.54
N GLN A 61 -0.88 10.40 21.88
CA GLN A 61 -0.68 8.98 21.58
C GLN A 61 -0.47 8.03 22.77
N GLU A 62 0.01 8.58 23.88
CA GLU A 62 0.23 7.77 25.09
C GLU A 62 -1.12 7.41 25.71
N GLU A 63 -2.03 8.38 25.60
CA GLU A 63 -3.38 8.25 26.12
C GLU A 63 -4.16 7.19 25.38
N ILE A 64 -4.02 7.22 24.06
CA ILE A 64 -4.67 6.26 23.20
C ILE A 64 -4.15 4.88 23.59
N HIS A 65 -2.84 4.79 23.83
CA HIS A 65 -2.22 3.54 24.25
C HIS A 65 -2.81 3.02 25.53
N ARG A 66 -2.87 3.89 26.53
CA ARG A 66 -3.43 3.53 27.82
C ARG A 66 -4.85 3.06 27.63
N LEU A 67 -5.61 3.80 26.84
CA LEU A 67 -7.00 3.43 26.57
C LEU A 67 -7.07 2.09 25.79
N LEU A 68 -6.19 1.87 24.81
CA LEU A 68 -6.18 0.62 24.04
C LEU A 68 -5.87 -0.56 24.97
N LEU A 69 -4.90 -0.35 25.84
CA LEU A 69 -4.50 -1.39 26.76
C LEU A 69 -5.63 -1.78 27.72
N ARG A 70 -6.40 -0.78 28.14
CA ARG A 70 -7.52 -0.99 29.05
C ARG A 70 -8.58 -1.89 28.44
N HIS A 71 -9.06 -1.52 27.26
CA HIS A 71 -10.07 -2.33 26.57
C HIS A 71 -9.55 -3.71 26.22
N ALA A 72 -8.29 -3.78 25.80
CA ALA A 72 -7.71 -5.06 25.44
C ALA A 72 -7.73 -6.04 26.60
N ARG A 73 -7.45 -5.56 27.80
CA ARG A 73 -7.42 -6.44 28.97
C ARG A 73 -8.81 -6.85 29.43
N ALA A 74 -9.83 -6.13 29.01
CA ALA A 74 -11.21 -6.44 29.42
C ALA A 74 -12.01 -7.34 28.46
N HIS A 75 -11.37 -7.90 27.44
CA HIS A 75 -12.09 -8.76 26.48
C HIS A 75 -11.18 -9.81 25.86
N PRO A 76 -11.77 -10.89 25.32
CA PRO A 76 -10.98 -11.93 24.68
C PRO A 76 -10.18 -11.32 23.52
N PHE A 77 -10.80 -10.37 22.82
CA PHE A 77 -10.16 -9.66 21.72
C PHE A 77 -10.95 -8.40 21.43
N VAL A 78 -10.29 -7.42 20.83
CA VAL A 78 -10.94 -6.17 20.46
C VAL A 78 -10.36 -5.80 19.11
N VAL A 79 -11.03 -4.91 18.39
CA VAL A 79 -10.53 -4.47 17.09
C VAL A 79 -10.13 -3.01 17.19
N ARG A 80 -8.91 -2.71 16.74
CA ARG A 80 -8.41 -1.34 16.70
C ARG A 80 -8.53 -1.00 15.21
N LEU A 81 -9.50 -0.16 14.88
CA LEU A 81 -9.77 0.18 13.50
C LEU A 81 -9.16 1.47 13.02
N LYS A 82 -8.34 1.36 11.97
CA LYS A 82 -7.66 2.51 11.37
C LYS A 82 -8.02 2.65 9.89
N GLY A 83 -8.07 3.89 9.40
CA GLY A 83 -8.39 4.12 8.00
C GLY A 83 -7.31 3.62 7.06
N GLY A 84 -7.73 3.15 5.87
CA GLY A 84 -6.80 2.65 4.88
C GLY A 84 -6.11 1.41 5.39
N ASP A 85 -4.78 1.41 5.38
CA ASP A 85 -3.98 0.31 5.89
C ASP A 85 -3.42 0.84 7.20
N PRO A 86 -3.46 0.03 8.26
CA PRO A 86 -2.96 0.46 9.57
C PRO A 86 -1.49 0.79 9.72
N MET A 87 -0.66 0.28 8.82
CA MET A 87 0.77 0.46 8.95
C MET A 87 1.49 1.57 8.21
N VAL A 88 0.76 2.47 7.58
CA VAL A 88 1.40 3.59 6.90
C VAL A 88 0.71 4.89 7.31
N PHE A 89 1.52 5.83 7.78
CA PHE A 89 1.07 7.15 8.20
C PHE A 89 -0.02 7.22 9.27
N GLY A 90 -0.16 6.18 10.09
CA GLY A 90 -1.18 6.23 11.12
C GLY A 90 -0.67 5.98 12.52
N ARG A 91 0.65 5.95 12.69
CA ARG A 91 1.28 5.67 13.99
C ARG A 91 0.92 4.25 14.45
N GLY A 92 0.72 3.37 13.49
CA GLY A 92 0.37 1.99 13.81
C GLY A 92 1.52 1.25 14.45
N GLY A 93 2.73 1.57 14.01
CA GLY A 93 3.90 0.92 14.59
C GLY A 93 4.05 1.20 16.07
N GLU A 94 3.79 2.44 16.47
CA GLU A 94 3.91 2.82 17.88
C GLU A 94 2.86 2.09 18.72
N GLU A 95 1.67 1.94 18.16
CA GLU A 95 0.59 1.26 18.86
C GLU A 95 0.92 -0.22 19.05
N VAL A 96 1.41 -0.85 17.99
CA VAL A 96 1.76 -2.26 18.09
C VAL A 96 2.90 -2.44 19.08
N LEU A 97 3.92 -1.59 19.00
CA LEU A 97 5.08 -1.67 19.88
C LEU A 97 4.64 -1.60 21.34
N PHE A 98 3.85 -0.59 21.66
CA PHE A 98 3.36 -0.40 23.01
C PHE A 98 2.66 -1.67 23.54
N LEU A 99 1.74 -2.21 22.76
CA LEU A 99 1.01 -3.40 23.16
C LEU A 99 1.91 -4.60 23.40
N LEU A 100 2.88 -4.82 22.50
CA LEU A 100 3.78 -5.96 22.66
C LEU A 100 4.56 -5.83 23.97
N ARG A 101 5.07 -4.63 24.23
CA ARG A 101 5.84 -4.36 25.44
C ARG A 101 4.99 -4.62 26.70
N HIS A 102 3.69 -4.46 26.59
CA HIS A 102 2.82 -4.72 27.73
C HIS A 102 2.24 -6.11 27.68
N GLY A 103 2.81 -6.95 26.82
CA GLY A 103 2.37 -8.32 26.74
C GLY A 103 1.01 -8.58 26.15
N VAL A 104 0.51 -7.66 25.32
CA VAL A 104 -0.78 -7.85 24.67
C VAL A 104 -0.55 -8.41 23.28
N PRO A 105 -1.09 -9.59 22.98
CA PRO A 105 -0.90 -10.18 21.65
C PRO A 105 -1.52 -9.26 20.59
N VAL A 106 -0.83 -9.07 19.46
CA VAL A 106 -1.36 -8.20 18.41
C VAL A 106 -1.30 -8.87 17.04
N GLU A 107 -2.36 -8.69 16.25
CA GLU A 107 -2.36 -9.24 14.91
C GLU A 107 -2.65 -8.10 13.93
N VAL A 108 -1.79 -7.94 12.91
CA VAL A 108 -2.00 -6.85 11.95
C VAL A 108 -2.77 -7.35 10.74
N VAL A 109 -3.84 -6.65 10.38
CA VAL A 109 -4.64 -7.00 9.20
C VAL A 109 -4.54 -5.85 8.19
N PRO A 110 -3.81 -6.07 7.09
CA PRO A 110 -3.65 -5.03 6.07
C PRO A 110 -4.97 -4.58 5.46
N GLY A 111 -4.93 -3.45 4.78
CA GLY A 111 -6.13 -2.93 4.14
C GLY A 111 -5.79 -2.19 2.86
N VAL A 112 -6.81 -1.72 2.17
CA VAL A 112 -6.61 -0.95 0.96
C VAL A 112 -6.25 0.45 1.44
N THR A 113 -5.00 0.86 1.20
CA THR A 113 -4.53 2.17 1.62
C THR A 113 -5.09 3.27 0.71
N SER A 114 -5.35 4.45 1.27
CA SER A 114 -5.88 5.52 0.44
C SER A 114 -4.92 5.88 -0.67
N LEU A 115 -3.65 5.47 -0.53
CA LEU A 115 -2.64 5.75 -1.55
C LEU A 115 -3.03 5.12 -2.90
N LEU A 116 -3.85 4.07 -2.82
CA LEU A 116 -4.28 3.33 -4.01
C LEU A 116 -5.76 3.49 -4.30
N ALA A 117 -6.40 4.42 -3.62
CA ALA A 117 -7.83 4.63 -3.80
C ALA A 117 -8.26 5.44 -5.01
N SER A 118 -7.31 6.01 -5.75
CA SER A 118 -7.66 6.80 -6.93
C SER A 118 -7.84 5.91 -8.16
N GLY A 119 -7.32 4.69 -8.08
CA GLY A 119 -7.43 3.77 -9.19
C GLY A 119 -6.51 4.10 -10.34
N LEU A 120 -5.64 5.09 -10.14
CA LEU A 120 -4.69 5.49 -11.17
C LEU A 120 -3.38 4.72 -11.07
N PRO A 121 -2.70 4.50 -12.20
CA PRO A 121 -1.43 3.76 -12.20
C PRO A 121 -0.32 4.63 -11.62
N LEU A 122 0.25 4.22 -10.48
CA LEU A 122 1.32 4.99 -9.85
C LEU A 122 2.62 4.65 -10.54
N THR A 123 2.64 3.52 -11.23
CA THR A 123 3.79 3.10 -11.99
C THR A 123 3.26 2.87 -13.39
N HIS A 124 4.06 3.24 -14.38
CA HIS A 124 3.64 3.07 -15.76
C HIS A 124 4.84 3.24 -16.67
N ARG A 125 4.91 2.32 -17.62
CA ARG A 125 5.92 2.23 -18.64
C ARG A 125 6.42 3.57 -19.17
N GLY A 126 7.74 3.75 -19.12
CA GLY A 126 8.33 4.99 -19.60
C GLY A 126 8.05 6.21 -18.74
N LEU A 127 7.10 6.11 -17.80
CA LEU A 127 6.77 7.26 -16.97
C LEU A 127 7.30 7.18 -15.54
N ALA A 128 7.07 6.04 -14.88
CA ALA A 128 7.53 5.88 -13.51
C ALA A 128 7.70 4.41 -13.22
N HIS A 129 8.88 4.04 -12.73
CA HIS A 129 9.21 2.66 -12.39
C HIS A 129 9.11 2.38 -10.89
N GLY A 130 8.51 3.33 -10.17
CA GLY A 130 8.36 3.17 -8.74
C GLY A 130 7.68 4.43 -8.27
N PHE A 131 7.38 4.52 -6.98
CA PHE A 131 6.74 5.72 -6.47
C PHE A 131 7.13 5.91 -5.01
N ALA A 132 6.78 7.08 -4.46
CA ALA A 132 7.09 7.37 -3.06
C ALA A 132 5.88 7.98 -2.43
N ALA A 133 5.79 7.81 -1.11
CA ALA A 133 4.68 8.37 -0.36
C ALA A 133 5.26 9.05 0.88
N VAL A 134 4.77 10.24 1.15
CA VAL A 134 5.27 10.98 2.30
C VAL A 134 4.12 11.76 2.90
N SER A 135 4.27 12.19 4.14
CA SER A 135 3.23 12.95 4.82
C SER A 135 3.63 14.43 5.00
N GLY A 136 2.64 15.31 4.95
CA GLY A 136 2.89 16.73 5.14
C GLY A 136 2.88 17.09 6.61
N VAL A 137 2.58 16.10 7.46
CA VAL A 137 2.52 16.29 8.89
C VAL A 137 3.12 15.10 9.61
N LEU A 138 4.14 15.35 10.41
CA LEU A 138 4.80 14.29 11.15
C LEU A 138 4.12 14.12 12.49
N GLU A 139 4.54 13.09 13.22
CA GLU A 139 4.00 12.86 14.55
C GLU A 139 4.47 14.11 15.30
N GLY A 140 3.54 14.81 15.93
CA GLY A 140 3.92 16.01 16.65
C GLY A 140 3.57 17.27 15.87
N GLY A 141 3.15 17.10 14.62
CA GLY A 141 2.76 18.24 13.81
C GLY A 141 3.86 18.95 13.05
N GLY A 142 5.11 18.54 13.24
CA GLY A 142 6.22 19.17 12.54
C GLY A 142 6.16 19.02 11.03
N TYR A 143 7.14 19.62 10.34
CA TYR A 143 7.22 19.58 8.87
C TYR A 143 8.21 18.55 8.36
N PRO A 144 7.89 17.91 7.22
CA PRO A 144 8.73 16.86 6.59
C PRO A 144 9.97 17.29 5.80
N ASP A 145 11.05 16.53 5.93
CA ASP A 145 12.26 16.77 5.16
C ASP A 145 11.94 16.10 3.81
N LEU A 146 11.52 16.91 2.84
CA LEU A 146 11.14 16.41 1.50
C LEU A 146 12.26 16.06 0.56
N ARG A 147 13.48 16.36 0.97
CA ARG A 147 14.64 16.14 0.16
C ARG A 147 14.75 14.72 -0.41
N PRO A 148 14.70 13.68 0.44
CA PRO A 148 14.79 12.30 -0.04
C PRO A 148 13.70 11.89 -1.06
N PHE A 149 12.61 12.65 -1.11
CA PHE A 149 11.49 12.33 -1.99
C PHE A 149 11.29 13.26 -3.17
N ALA A 150 12.02 14.36 -3.17
CA ALA A 150 11.87 15.37 -4.19
C ALA A 150 11.93 14.91 -5.64
N ARG A 151 12.80 13.95 -5.96
CA ARG A 151 12.92 13.55 -7.36
C ARG A 151 12.33 12.21 -7.80
N VAL A 152 11.50 11.58 -6.98
CA VAL A 152 10.90 10.30 -7.39
C VAL A 152 9.81 10.60 -8.44
N PRO A 153 9.82 9.89 -9.57
CA PRO A 153 8.87 10.06 -10.68
C PRO A 153 7.42 10.27 -10.28
N THR A 154 6.92 9.40 -9.39
CA THR A 154 5.55 9.54 -8.93
C THR A 154 5.64 9.75 -7.43
N LEU A 155 5.12 10.88 -6.96
CA LEU A 155 5.15 11.20 -5.55
C LEU A 155 3.73 11.30 -5.07
N VAL A 156 3.43 10.66 -3.94
CA VAL A 156 2.09 10.75 -3.38
C VAL A 156 2.23 11.37 -2.00
N VAL A 157 1.46 12.42 -1.77
CA VAL A 157 1.51 13.12 -0.50
C VAL A 157 0.19 12.94 0.26
N LEU A 158 0.30 12.53 1.51
CA LEU A 158 -0.87 12.34 2.37
C LEU A 158 -0.82 13.45 3.41
N MET A 159 -1.96 13.81 3.97
CA MET A 159 -2.04 14.87 4.97
C MET A 159 -1.33 16.12 4.45
N GLY A 160 -1.43 16.37 3.13
CA GLY A 160 -0.75 17.52 2.57
C GLY A 160 -1.63 18.65 2.05
N VAL A 161 -2.91 18.62 2.40
CA VAL A 161 -3.83 19.64 1.92
C VAL A 161 -3.59 21.02 2.55
N GLY A 162 -3.67 21.11 3.87
CA GLY A 162 -3.44 22.38 4.53
C GLY A 162 -2.10 23.03 4.23
N ARG A 163 -1.03 22.24 4.21
CA ARG A 163 0.32 22.76 3.94
C ARG A 163 0.76 22.59 2.50
N ARG A 164 -0.18 22.51 1.58
CA ARG A 164 0.17 22.32 0.17
C ARG A 164 1.08 23.37 -0.46
N VAL A 165 0.75 24.63 -0.21
CA VAL A 165 1.53 25.72 -0.76
C VAL A 165 2.99 25.56 -0.34
N TRP A 166 3.21 25.33 0.95
CA TRP A 166 4.57 25.13 1.49
C TRP A 166 5.23 23.90 0.86
N ILE A 167 4.49 22.80 0.76
CA ILE A 167 5.02 21.56 0.19
C ILE A 167 5.47 21.78 -1.24
N ALA A 168 4.60 22.39 -2.03
CA ALA A 168 4.92 22.68 -3.43
C ALA A 168 6.25 23.44 -3.56
N LYS A 169 6.39 24.51 -2.77
CA LYS A 169 7.60 25.34 -2.80
C LYS A 169 8.88 24.59 -2.47
N GLU A 170 8.79 23.71 -1.48
CA GLU A 170 9.92 22.90 -1.08
C GLU A 170 10.31 21.96 -2.19
N LEU A 171 9.31 21.37 -2.84
CA LEU A 171 9.56 20.45 -3.94
C LEU A 171 10.23 21.23 -5.07
N LEU A 172 9.82 22.48 -5.25
CA LEU A 172 10.42 23.33 -6.28
C LEU A 172 11.85 23.67 -5.92
N ARG A 173 12.09 24.03 -4.66
CA ARG A 173 13.44 24.36 -4.21
C ARG A 173 14.31 23.13 -4.22
N LEU A 174 13.65 21.97 -4.06
CA LEU A 174 14.37 20.71 -4.06
C LEU A 174 14.68 20.21 -5.47
N GLY A 175 14.23 20.96 -6.47
CA GLY A 175 14.54 20.60 -7.85
C GLY A 175 13.48 19.97 -8.73
N ARG A 176 12.22 19.97 -8.31
CA ARG A 176 11.18 19.39 -9.14
C ARG A 176 10.57 20.39 -10.09
N ASP A 177 10.13 19.87 -11.22
CA ASP A 177 9.55 20.64 -12.31
C ASP A 177 8.22 21.33 -12.05
N PRO A 178 8.14 22.66 -12.29
CA PRO A 178 6.92 23.46 -12.09
C PRO A 178 5.80 23.04 -13.02
N ARG A 179 6.17 22.54 -14.19
CA ARG A 179 5.20 22.10 -15.19
C ARG A 179 4.60 20.74 -14.88
N GLU A 180 5.16 20.07 -13.89
CA GLU A 180 4.67 18.75 -13.53
C GLU A 180 3.18 18.74 -13.19
N PRO A 181 2.43 17.84 -13.82
CA PRO A 181 0.99 17.72 -13.57
C PRO A 181 0.74 16.96 -12.25
N THR A 182 -0.22 17.43 -11.48
CA THR A 182 -0.56 16.80 -10.22
C THR A 182 -2.06 16.61 -10.19
N LEU A 183 -2.55 15.86 -9.21
CA LEU A 183 -3.98 15.63 -9.06
C LEU A 183 -4.34 15.49 -7.59
N PHE A 184 -5.45 16.11 -7.19
CA PHE A 184 -5.92 16.00 -5.81
C PHE A 184 -7.20 15.18 -5.85
N VAL A 185 -7.31 14.16 -5.00
CA VAL A 185 -8.53 13.36 -4.97
C VAL A 185 -9.06 13.39 -3.56
N GLU A 186 -10.16 14.11 -3.39
CA GLU A 186 -10.80 14.27 -2.09
C GLU A 186 -11.78 13.15 -1.78
N ARG A 187 -11.68 12.63 -0.56
CA ARG A 187 -12.56 11.58 -0.10
C ARG A 187 -12.73 10.50 -1.15
N ALA A 188 -11.61 9.95 -1.60
CA ALA A 188 -11.65 8.90 -2.59
C ALA A 188 -12.51 7.73 -2.09
N SER A 189 -13.14 7.05 -3.05
CA SER A 189 -13.99 5.89 -2.82
C SER A 189 -15.27 6.20 -2.04
N THR A 190 -15.66 7.46 -2.01
CA THR A 190 -16.88 7.83 -1.31
C THR A 190 -17.77 8.55 -2.31
N PRO A 191 -19.07 8.70 -1.99
CA PRO A 191 -19.98 9.40 -2.91
C PRO A 191 -19.58 10.85 -3.18
N LYS A 192 -18.82 11.46 -2.28
CA LYS A 192 -18.40 12.84 -2.48
C LYS A 192 -17.00 12.97 -3.04
N GLU A 193 -16.50 11.91 -3.66
CA GLU A 193 -15.18 11.99 -4.23
C GLU A 193 -15.21 13.19 -5.17
N ARG A 194 -14.07 13.87 -5.31
CA ARG A 194 -13.94 15.05 -6.17
C ARG A 194 -12.48 15.10 -6.55
N ARG A 195 -12.21 15.33 -7.83
CA ARG A 195 -10.82 15.37 -8.31
C ARG A 195 -10.44 16.71 -8.91
N VAL A 196 -9.32 17.25 -8.45
CA VAL A 196 -8.83 18.54 -8.91
C VAL A 196 -7.45 18.45 -9.55
N HIS A 197 -7.34 18.89 -10.79
CA HIS A 197 -6.05 18.88 -11.51
C HIS A 197 -5.33 20.21 -11.32
N ALA A 198 -4.00 20.21 -11.45
CA ALA A 198 -3.23 21.44 -11.29
C ALA A 198 -1.75 21.13 -11.31
N ARG A 199 -0.98 22.04 -11.91
CA ARG A 199 0.46 21.87 -12.00
C ARG A 199 1.11 22.16 -10.65
N LEU A 200 2.33 21.65 -10.45
CA LEU A 200 3.03 21.90 -9.21
C LEU A 200 3.13 23.42 -9.06
N GLU A 201 3.20 24.11 -10.20
CA GLU A 201 3.30 25.56 -10.26
C GLU A 201 2.13 26.27 -9.63
N GLU A 202 0.94 25.93 -10.10
CA GLU A 202 -0.28 26.54 -9.59
C GLU A 202 -0.44 26.24 -8.12
N VAL A 203 0.07 25.09 -7.67
CA VAL A 203 -0.06 24.75 -6.26
C VAL A 203 0.84 25.64 -5.40
N ALA A 204 2.09 25.77 -5.78
CA ALA A 204 3.04 26.61 -5.04
C ALA A 204 2.56 28.06 -5.03
N GLU A 205 1.72 28.40 -5.99
CA GLU A 205 1.19 29.75 -6.09
C GLU A 205 -0.12 29.99 -5.38
N GLY A 206 -0.55 29.04 -4.59
CA GLY A 206 -1.81 29.19 -3.86
C GLY A 206 -3.02 29.27 -4.75
N LYS A 207 -2.83 28.95 -6.03
CA LYS A 207 -3.91 29.01 -7.02
C LYS A 207 -4.88 27.83 -7.00
N VAL A 208 -4.59 26.81 -6.17
CA VAL A 208 -5.46 25.64 -6.07
C VAL A 208 -6.15 25.45 -4.73
N GLU A 209 -7.42 25.12 -4.84
CA GLU A 209 -8.30 24.91 -3.71
C GLU A 209 -8.77 23.46 -3.58
N VAL A 210 -8.34 22.83 -2.51
CA VAL A 210 -8.67 21.44 -2.26
C VAL A 210 -8.94 21.38 -0.76
N ARG A 211 -9.90 20.55 -0.34
CA ARG A 211 -10.21 20.41 1.10
C ARG A 211 -9.92 18.95 1.48
N PRO A 212 -9.55 18.69 2.75
CA PRO A 212 -9.23 17.35 3.25
C PRO A 212 -10.46 16.50 3.61
N PRO A 213 -10.28 15.17 3.70
CA PRO A 213 -9.00 14.50 3.48
C PRO A 213 -8.79 14.29 2.00
N ALA A 214 -7.55 14.44 1.55
CA ALA A 214 -7.28 14.26 0.14
C ALA A 214 -5.95 13.58 -0.09
N LEU A 215 -5.87 13.00 -1.27
CA LEU A 215 -4.71 12.27 -1.75
C LEU A 215 -4.07 13.20 -2.78
N TRP A 216 -2.76 13.40 -2.69
CA TRP A 216 -2.09 14.28 -3.64
C TRP A 216 -1.05 13.52 -4.45
N ILE A 217 -1.38 13.26 -5.72
CA ILE A 217 -0.48 12.54 -6.60
C ILE A 217 0.24 13.45 -7.57
N LEU A 218 1.56 13.34 -7.61
CA LEU A 218 2.35 14.19 -8.48
C LEU A 218 3.18 13.38 -9.47
N GLY A 219 3.08 13.75 -10.75
CA GLY A 219 3.85 13.07 -11.78
C GLY A 219 3.11 12.88 -13.08
N GLU A 220 3.84 12.53 -14.14
CA GLU A 220 3.24 12.33 -15.45
C GLU A 220 2.12 11.27 -15.49
N VAL A 221 2.19 10.27 -14.63
CA VAL A 221 1.15 9.24 -14.68
C VAL A 221 -0.21 9.86 -14.47
N VAL A 222 -0.22 11.08 -13.95
CA VAL A 222 -1.48 11.80 -13.70
C VAL A 222 -2.21 12.09 -15.01
N ARG A 223 -1.45 12.16 -16.10
CA ARG A 223 -2.01 12.43 -17.42
C ARG A 223 -2.07 11.18 -18.30
N VAL A 224 -1.97 10.02 -17.66
CA VAL A 224 -2.02 8.77 -18.43
C VAL A 224 -3.45 8.57 -18.92
N PHE A 225 -4.43 8.77 -18.02
CA PHE A 225 -5.82 8.62 -18.37
C PHE A 225 -6.47 10.00 -18.58
N GLY B 1 -18.62 -6.33 -23.24
CA GLY B 1 -19.16 -5.86 -21.94
C GLY B 1 -18.14 -5.14 -21.07
N ARG B 2 -18.42 -5.16 -19.77
CA ARG B 2 -17.60 -4.50 -18.77
C ARG B 2 -16.44 -5.33 -18.21
N VAL B 3 -15.31 -4.68 -17.93
CA VAL B 3 -14.14 -5.36 -17.36
C VAL B 3 -13.75 -4.80 -15.99
N TYR B 4 -13.71 -5.69 -15.00
CA TYR B 4 -13.32 -5.31 -13.64
C TYR B 4 -11.86 -5.72 -13.44
N LEU B 5 -11.00 -4.73 -13.20
CA LEU B 5 -9.58 -4.99 -12.99
C LEU B 5 -9.48 -5.12 -11.47
N VAL B 6 -9.41 -6.37 -11.01
CA VAL B 6 -9.44 -6.67 -9.58
C VAL B 6 -8.16 -7.09 -8.89
N GLY B 7 -7.92 -6.49 -7.73
CA GLY B 7 -6.75 -6.84 -6.96
C GLY B 7 -7.08 -8.06 -6.11
N ALA B 8 -6.30 -9.13 -6.24
CA ALA B 8 -6.52 -10.36 -5.48
C ALA B 8 -5.89 -10.34 -4.09
N GLY B 9 -5.04 -9.35 -3.83
CA GLY B 9 -4.38 -9.28 -2.53
C GLY B 9 -3.04 -10.01 -2.62
N PRO B 10 -2.27 -10.11 -1.53
CA PRO B 10 -0.98 -10.80 -1.57
C PRO B 10 -1.01 -12.34 -1.64
N GLY B 11 -2.15 -12.94 -1.33
CA GLY B 11 -2.24 -14.40 -1.38
C GLY B 11 -3.31 -14.94 -0.45
N ASP B 12 -3.25 -14.55 0.82
CA ASP B 12 -4.23 -14.98 1.82
C ASP B 12 -5.62 -14.61 1.27
N PRO B 13 -6.49 -15.61 1.06
CA PRO B 13 -7.83 -15.27 0.53
C PRO B 13 -8.66 -14.32 1.39
N GLU B 14 -8.40 -14.27 2.69
CA GLU B 14 -9.13 -13.37 3.57
C GLU B 14 -8.75 -11.91 3.34
N LEU B 15 -7.70 -11.67 2.56
CA LEU B 15 -7.26 -10.30 2.30
C LEU B 15 -7.85 -9.77 0.99
N LEU B 16 -8.79 -10.53 0.44
CA LEU B 16 -9.50 -10.10 -0.77
C LEU B 16 -10.45 -9.02 -0.24
N THR B 17 -10.80 -8.02 -1.06
CA THR B 17 -11.76 -7.03 -0.62
C THR B 17 -13.13 -7.69 -0.78
N LEU B 18 -14.15 -7.17 -0.09
CA LEU B 18 -15.49 -7.74 -0.21
C LEU B 18 -15.95 -7.65 -1.65
N LYS B 19 -15.71 -6.50 -2.28
CA LYS B 19 -16.08 -6.30 -3.68
C LYS B 19 -15.43 -7.35 -4.59
N ALA B 20 -14.15 -7.63 -4.36
CA ALA B 20 -13.42 -8.61 -5.17
C ALA B 20 -13.99 -10.01 -4.97
N TYR B 21 -14.33 -10.35 -3.73
CA TYR B 21 -14.90 -11.64 -3.41
C TYR B 21 -16.23 -11.82 -4.14
N ARG B 22 -17.11 -10.85 -3.99
CA ARG B 22 -18.42 -10.90 -4.64
C ARG B 22 -18.27 -11.00 -6.16
N LEU B 23 -17.37 -10.22 -6.74
CA LEU B 23 -17.16 -10.27 -8.18
C LEU B 23 -16.64 -11.64 -8.60
N LEU B 24 -15.77 -12.24 -7.80
CA LEU B 24 -15.21 -13.56 -8.14
C LEU B 24 -16.27 -14.64 -8.11
N LYS B 25 -17.14 -14.58 -7.09
CA LYS B 25 -18.20 -15.56 -6.95
C LYS B 25 -19.19 -15.42 -8.11
N GLU B 26 -19.42 -14.18 -8.52
CA GLU B 26 -20.40 -13.88 -9.57
C GLU B 26 -19.94 -13.86 -11.03
N ALA B 27 -18.65 -13.66 -11.25
CA ALA B 27 -18.11 -13.56 -12.61
C ALA B 27 -18.21 -14.79 -13.50
N PRO B 28 -18.69 -14.61 -14.74
CA PRO B 28 -18.81 -15.75 -15.67
C PRO B 28 -17.41 -16.19 -16.09
N VAL B 29 -16.48 -15.24 -16.14
CA VAL B 29 -15.11 -15.53 -16.51
C VAL B 29 -14.11 -14.71 -15.69
N VAL B 30 -13.03 -15.36 -15.28
CA VAL B 30 -11.96 -14.73 -14.51
C VAL B 30 -10.64 -14.94 -15.23
N LEU B 31 -10.05 -13.85 -15.73
CA LEU B 31 -8.79 -13.93 -16.44
C LEU B 31 -7.73 -13.56 -15.42
N TYR B 32 -6.99 -14.56 -14.96
CA TYR B 32 -6.02 -14.28 -13.93
C TYR B 32 -4.60 -14.26 -14.41
N ASP B 33 -3.84 -13.52 -13.64
CA ASP B 33 -2.44 -13.30 -13.88
C ASP B 33 -1.59 -14.26 -13.06
N ARG B 34 -0.29 -13.99 -13.12
CA ARG B 34 0.69 -14.75 -12.40
C ARG B 34 0.74 -14.24 -10.97
N LEU B 35 1.04 -15.13 -10.04
CA LEU B 35 1.14 -14.78 -8.63
C LEU B 35 -0.23 -14.67 -7.97
N VAL B 36 -1.21 -15.27 -8.62
CA VAL B 36 -2.53 -15.30 -8.02
C VAL B 36 -2.54 -16.63 -7.32
N ASP B 37 -2.88 -16.59 -6.04
CA ASP B 37 -2.93 -17.77 -5.19
C ASP B 37 -4.05 -18.70 -5.60
N GLU B 38 -3.75 -19.99 -5.61
CA GLU B 38 -4.79 -20.94 -5.99
C GLU B 38 -5.97 -20.85 -5.01
N ARG B 39 -5.72 -20.45 -3.77
CA ARG B 39 -6.81 -20.37 -2.80
C ARG B 39 -7.85 -19.35 -3.22
N VAL B 40 -7.40 -18.22 -3.76
CA VAL B 40 -8.31 -17.17 -4.23
C VAL B 40 -9.11 -17.68 -5.43
N LEU B 41 -8.42 -18.34 -6.37
CA LEU B 41 -9.10 -18.86 -7.56
C LEU B 41 -10.17 -19.90 -7.26
N ALA B 42 -9.88 -20.79 -6.33
CA ALA B 42 -10.82 -21.83 -5.95
C ALA B 42 -12.14 -21.25 -5.43
N LEU B 43 -12.19 -19.94 -5.21
CA LEU B 43 -13.41 -19.30 -4.73
C LEU B 43 -14.28 -18.94 -5.94
N ALA B 44 -13.65 -18.85 -7.11
CA ALA B 44 -14.35 -18.51 -8.35
C ALA B 44 -14.95 -19.75 -9.01
N PRO B 45 -16.26 -19.74 -9.25
CA PRO B 45 -16.89 -20.91 -9.89
C PRO B 45 -17.03 -20.79 -11.40
N GLY B 46 -16.81 -19.59 -11.92
CA GLY B 46 -16.92 -19.39 -13.36
C GLY B 46 -15.74 -19.99 -14.09
N GLU B 47 -15.61 -19.63 -15.36
CA GLU B 47 -14.50 -20.13 -16.16
C GLU B 47 -13.21 -19.39 -15.82
N LYS B 48 -12.14 -20.14 -15.56
CA LYS B 48 -10.87 -19.53 -15.21
C LYS B 48 -9.83 -19.64 -16.31
N VAL B 49 -9.48 -18.50 -16.90
CA VAL B 49 -8.50 -18.44 -17.97
C VAL B 49 -7.24 -17.70 -17.52
N TYR B 50 -6.08 -18.34 -17.66
CA TYR B 50 -4.80 -17.72 -17.30
C TYR B 50 -4.39 -16.76 -18.41
N VAL B 51 -4.12 -15.51 -18.04
CA VAL B 51 -3.69 -14.47 -18.98
C VAL B 51 -2.49 -13.70 -18.41
N GLY B 52 -1.32 -13.94 -19.00
CA GLY B 52 -0.16 -13.24 -18.50
C GLY B 52 1.21 -13.89 -18.77
N LYS B 53 2.25 -13.50 -18.02
CA LYS B 53 3.59 -14.07 -18.19
C LYS B 53 4.67 -13.02 -18.51
N GLU B 63 -0.26 -8.76 -26.54
CA GLU B 63 -0.84 -10.06 -26.82
C GLU B 63 -1.68 -10.59 -25.68
N ILE B 64 -1.66 -9.91 -24.55
CA ILE B 64 -2.46 -10.31 -23.42
C ILE B 64 -3.73 -9.49 -23.60
N HIS B 65 -3.51 -8.32 -24.15
CA HIS B 65 -4.54 -7.37 -24.44
C HIS B 65 -5.57 -7.99 -25.35
N ARG B 66 -5.14 -8.45 -26.49
CA ARG B 66 -6.07 -9.07 -27.41
C ARG B 66 -6.95 -10.16 -26.77
N LEU B 67 -6.38 -10.96 -25.86
CA LEU B 67 -7.16 -12.01 -25.18
C LEU B 67 -8.23 -11.43 -24.24
N LEU B 68 -7.89 -10.36 -23.54
CA LEU B 68 -8.83 -9.72 -22.64
C LEU B 68 -10.05 -9.21 -23.43
N LEU B 69 -9.77 -8.60 -24.57
CA LEU B 69 -10.77 -8.05 -25.47
C LEU B 69 -11.82 -9.08 -25.91
N ARG B 70 -11.35 -10.25 -26.33
CA ARG B 70 -12.20 -11.32 -26.82
C ARG B 70 -13.09 -12.02 -25.82
N HIS B 71 -12.76 -11.92 -24.53
CA HIS B 71 -13.61 -12.52 -23.52
C HIS B 71 -14.60 -11.48 -22.99
N ALA B 72 -14.14 -10.24 -22.96
CA ALA B 72 -14.94 -9.12 -22.52
C ALA B 72 -16.13 -8.93 -23.44
N ARG B 73 -15.98 -9.30 -24.71
CA ARG B 73 -17.06 -9.17 -25.64
C ARG B 73 -18.05 -10.31 -25.47
N ALA B 74 -17.57 -11.52 -25.20
CA ALA B 74 -18.42 -12.66 -25.02
C ALA B 74 -19.35 -12.56 -23.79
N HIS B 75 -19.18 -11.57 -22.92
CA HIS B 75 -20.04 -11.47 -21.73
C HIS B 75 -20.45 -10.09 -21.23
N PRO B 76 -21.41 -10.04 -20.30
CA PRO B 76 -21.91 -8.79 -19.70
C PRO B 76 -20.76 -8.10 -18.99
N PHE B 77 -19.93 -8.90 -18.34
CA PHE B 77 -18.77 -8.39 -17.62
C PHE B 77 -17.83 -9.54 -17.32
N VAL B 78 -16.56 -9.20 -17.14
CA VAL B 78 -15.56 -10.21 -16.84
C VAL B 78 -14.65 -9.63 -15.77
N VAL B 79 -13.93 -10.49 -15.08
CA VAL B 79 -13.02 -10.07 -14.03
C VAL B 79 -11.61 -10.38 -14.48
N ARG B 80 -10.75 -9.37 -14.46
CA ARG B 80 -9.34 -9.53 -14.81
C ARG B 80 -8.64 -9.48 -13.44
N LEU B 81 -8.22 -10.65 -12.96
CA LEU B 81 -7.59 -10.77 -11.64
C LEU B 81 -6.07 -10.62 -11.64
N LYS B 82 -5.58 -9.73 -10.78
CA LYS B 82 -4.13 -9.49 -10.62
C LYS B 82 -3.71 -9.54 -9.15
N GLY B 83 -2.49 -10.01 -8.91
CA GLY B 83 -2.00 -10.09 -7.54
C GLY B 83 -1.87 -8.74 -6.87
N GLY B 84 -2.11 -8.70 -5.55
CA GLY B 84 -1.99 -7.47 -4.79
C GLY B 84 -2.97 -6.42 -5.24
N ASP B 85 -2.48 -5.24 -5.60
CA ASP B 85 -3.33 -4.17 -6.13
C ASP B 85 -2.97 -4.09 -7.62
N PRO B 86 -3.98 -4.01 -8.49
CA PRO B 86 -3.72 -3.94 -9.94
C PRO B 86 -2.98 -2.73 -10.49
N MET B 87 -3.00 -1.59 -9.78
CA MET B 87 -2.35 -0.40 -10.31
C MET B 87 -0.90 -0.10 -9.94
N VAL B 88 -0.21 -1.04 -9.29
CA VAL B 88 1.19 -0.81 -8.97
C VAL B 88 2.05 -1.98 -9.40
N PHE B 89 3.02 -1.68 -10.26
CA PHE B 89 3.99 -2.66 -10.75
C PHE B 89 3.43 -3.85 -11.55
N GLY B 90 2.23 -3.74 -12.10
CA GLY B 90 1.71 -4.87 -12.84
C GLY B 90 1.27 -4.55 -14.25
N ARG B 91 1.61 -3.35 -14.72
CA ARG B 91 1.23 -2.90 -16.05
C ARG B 91 -0.28 -2.76 -16.18
N GLY B 92 -0.94 -2.63 -15.04
CA GLY B 92 -2.38 -2.47 -15.04
C GLY B 92 -2.72 -1.24 -15.87
N GLY B 93 -1.85 -0.24 -15.81
CA GLY B 93 -2.08 0.99 -16.55
C GLY B 93 -2.23 0.70 -18.03
N GLU B 94 -1.38 -0.17 -18.54
CA GLU B 94 -1.42 -0.52 -19.95
C GLU B 94 -2.70 -1.26 -20.33
N GLU B 95 -3.12 -2.19 -19.49
CA GLU B 95 -4.34 -2.93 -19.78
C GLU B 95 -5.55 -1.99 -19.80
N VAL B 96 -5.59 -1.03 -18.89
CA VAL B 96 -6.70 -0.10 -18.84
C VAL B 96 -6.77 0.71 -20.14
N LEU B 97 -5.64 1.28 -20.54
CA LEU B 97 -5.58 2.08 -21.76
C LEU B 97 -6.10 1.26 -22.93
N PHE B 98 -5.43 0.15 -23.19
CA PHE B 98 -5.77 -0.75 -24.26
C PHE B 98 -7.26 -1.12 -24.35
N LEU B 99 -7.90 -1.30 -23.20
CA LEU B 99 -9.30 -1.67 -23.14
C LEU B 99 -10.24 -0.49 -23.39
N LEU B 100 -9.82 0.68 -22.95
CA LEU B 100 -10.62 1.88 -23.15
C LEU B 100 -10.53 2.24 -24.63
N ARG B 101 -9.31 2.21 -25.17
CA ARG B 101 -9.06 2.54 -26.57
C ARG B 101 -9.86 1.68 -27.54
N HIS B 102 -10.24 0.48 -27.11
CA HIS B 102 -11.02 -0.42 -27.95
C HIS B 102 -12.46 -0.54 -27.46
N GLY B 103 -12.96 0.55 -26.90
CA GLY B 103 -14.32 0.62 -26.41
C GLY B 103 -14.85 -0.34 -25.35
N VAL B 104 -14.05 -0.61 -24.32
CA VAL B 104 -14.48 -1.49 -23.24
C VAL B 104 -14.38 -0.77 -21.91
N PRO B 105 -15.51 -0.59 -21.21
CA PRO B 105 -15.48 0.11 -19.92
C PRO B 105 -14.64 -0.71 -18.94
N VAL B 106 -14.00 -0.02 -18.00
CA VAL B 106 -13.18 -0.68 -17.00
C VAL B 106 -13.43 -0.03 -15.65
N GLU B 107 -13.50 -0.85 -14.61
CA GLU B 107 -13.70 -0.35 -13.26
C GLU B 107 -12.61 -1.02 -12.45
N VAL B 108 -11.73 -0.23 -11.87
CA VAL B 108 -10.62 -0.74 -11.07
C VAL B 108 -11.09 -1.00 -9.66
N VAL B 109 -10.71 -2.16 -9.12
CA VAL B 109 -11.05 -2.52 -7.75
C VAL B 109 -9.73 -2.71 -7.03
N PRO B 110 -9.34 -1.71 -6.22
CA PRO B 110 -8.09 -1.74 -5.45
C PRO B 110 -7.99 -2.97 -4.57
N GLY B 111 -6.77 -3.29 -4.16
CA GLY B 111 -6.56 -4.44 -3.30
C GLY B 111 -5.43 -4.21 -2.33
N VAL B 112 -5.16 -5.20 -1.48
CA VAL B 112 -4.06 -5.09 -0.53
C VAL B 112 -2.79 -5.39 -1.34
N THR B 113 -1.95 -4.39 -1.56
CA THR B 113 -0.71 -4.59 -2.30
C THR B 113 0.29 -5.38 -1.43
N SER B 114 1.20 -6.11 -2.07
CA SER B 114 2.15 -6.90 -1.29
C SER B 114 3.14 -5.98 -0.55
N LEU B 115 3.21 -4.72 -0.97
CA LEU B 115 4.10 -3.76 -0.31
C LEU B 115 3.71 -3.62 1.16
N LEU B 116 2.44 -3.92 1.45
CA LEU B 116 1.89 -3.83 2.79
C LEU B 116 1.61 -5.17 3.45
N ALA B 117 2.15 -6.26 2.89
CA ALA B 117 1.89 -7.59 3.45
C ALA B 117 2.87 -8.09 4.52
N SER B 118 3.91 -7.34 4.84
CA SER B 118 4.86 -7.80 5.86
C SER B 118 4.39 -7.48 7.27
N GLY B 119 3.42 -6.58 7.40
CA GLY B 119 2.92 -6.21 8.71
C GLY B 119 3.79 -5.16 9.37
N LEU B 120 4.95 -4.88 8.79
CA LEU B 120 5.86 -3.88 9.34
C LEU B 120 5.40 -2.44 9.10
N PRO B 121 5.69 -1.54 10.05
CA PRO B 121 5.28 -0.15 9.87
C PRO B 121 6.31 0.50 8.93
N LEU B 122 5.94 0.69 7.66
CA LEU B 122 6.83 1.30 6.68
C LEU B 122 7.21 2.71 7.12
N THR B 123 6.33 3.34 7.89
CA THR B 123 6.59 4.68 8.43
C THR B 123 6.55 4.50 9.95
N HIS B 124 7.43 5.20 10.65
CA HIS B 124 7.47 5.10 12.10
C HIS B 124 8.26 6.28 12.64
N ARG B 125 7.72 6.87 13.70
CA ARG B 125 8.33 8.02 14.35
C ARG B 125 9.83 7.86 14.61
N GLY B 126 10.62 8.83 14.15
CA GLY B 126 12.06 8.79 14.36
C GLY B 126 12.86 7.91 13.41
N LEU B 127 12.17 7.09 12.63
CA LEU B 127 12.86 6.20 11.71
C LEU B 127 12.57 6.53 10.24
N ALA B 128 11.32 6.79 9.93
CA ALA B 128 10.93 7.09 8.55
C ALA B 128 9.60 7.81 8.49
N HIS B 129 9.55 8.92 7.78
CA HIS B 129 8.31 9.68 7.65
C HIS B 129 7.69 9.48 6.29
N GLY B 130 8.22 8.53 5.54
CA GLY B 130 7.69 8.24 4.22
C GLY B 130 8.38 7.00 3.70
N PHE B 131 7.94 6.47 2.56
CA PHE B 131 8.61 5.30 2.02
C PHE B 131 8.53 5.38 0.50
N ALA B 132 9.28 4.50 -0.16
CA ALA B 132 9.29 4.45 -1.60
C ALA B 132 9.26 2.99 -1.99
N ALA B 133 8.75 2.72 -3.19
CA ALA B 133 8.67 1.37 -3.73
C ALA B 133 9.20 1.45 -5.16
N VAL B 134 10.08 0.53 -5.53
CA VAL B 134 10.65 0.53 -6.87
C VAL B 134 10.85 -0.89 -7.38
N SER B 135 10.83 -1.05 -8.71
CA SER B 135 11.01 -2.37 -9.30
C SER B 135 12.48 -2.64 -9.71
N GLY B 136 12.92 -3.87 -9.50
CA GLY B 136 14.27 -4.24 -9.89
C GLY B 136 14.32 -4.64 -11.36
N VAL B 137 13.15 -4.69 -12.00
CA VAL B 137 13.07 -5.05 -13.42
C VAL B 137 12.04 -4.18 -14.14
N LEU B 138 12.44 -3.55 -15.24
CA LEU B 138 11.51 -2.69 -15.98
C LEU B 138 10.83 -3.45 -17.12
N GLU B 139 9.83 -2.83 -17.73
CA GLU B 139 9.15 -3.44 -18.87
C GLU B 139 10.18 -3.41 -19.97
N GLY B 140 10.57 -4.57 -20.46
CA GLY B 140 11.60 -4.64 -21.47
C GLY B 140 12.79 -5.36 -20.91
N GLY B 141 12.79 -5.54 -19.58
CA GLY B 141 13.86 -6.24 -18.91
C GLY B 141 15.07 -5.47 -18.43
N GLY B 142 15.10 -4.16 -18.64
CA GLY B 142 16.24 -3.36 -18.21
C GLY B 142 16.34 -3.08 -16.72
N TYR B 143 17.43 -2.41 -16.33
CA TYR B 143 17.67 -2.08 -14.93
C TYR B 143 17.14 -0.71 -14.50
N PRO B 144 16.57 -0.63 -13.29
CA PRO B 144 16.02 0.64 -12.79
C PRO B 144 17.07 1.68 -12.42
N ASP B 145 16.69 2.95 -12.49
CA ASP B 145 17.55 4.05 -12.10
C ASP B 145 17.17 4.25 -10.63
N LEU B 146 18.07 3.86 -9.73
CA LEU B 146 17.80 3.93 -8.29
C LEU B 146 18.06 5.26 -7.60
N ARG B 147 18.73 6.18 -8.28
CA ARG B 147 19.06 7.49 -7.69
C ARG B 147 17.92 8.24 -7.04
N PRO B 148 16.77 8.37 -7.72
CA PRO B 148 15.65 9.09 -7.14
C PRO B 148 15.12 8.43 -5.85
N PHE B 149 15.43 7.15 -5.67
CA PHE B 149 14.95 6.38 -4.51
C PHE B 149 15.99 6.06 -3.45
N ALA B 150 17.25 6.03 -3.86
CA ALA B 150 18.36 5.67 -2.99
C ALA B 150 18.36 6.06 -1.51
N ARG B 151 17.90 7.27 -1.19
CA ARG B 151 17.94 7.72 0.19
C ARG B 151 16.62 7.88 0.97
N VAL B 152 15.53 7.35 0.45
CA VAL B 152 14.26 7.42 1.18
C VAL B 152 14.44 6.54 2.42
N PRO B 153 13.99 7.01 3.60
CA PRO B 153 14.08 6.30 4.88
C PRO B 153 13.76 4.81 4.80
N THR B 154 12.59 4.50 4.26
CA THR B 154 12.19 3.12 4.10
C THR B 154 12.05 2.85 2.60
N LEU B 155 12.82 1.88 2.10
CA LEU B 155 12.75 1.55 0.68
C LEU B 155 12.25 0.14 0.50
N VAL B 156 11.25 -0.04 -0.36
CA VAL B 156 10.71 -1.36 -0.63
C VAL B 156 11.00 -1.68 -2.10
N VAL B 157 11.62 -2.82 -2.34
CA VAL B 157 11.97 -3.24 -3.69
C VAL B 157 11.18 -4.47 -4.09
N LEU B 158 10.48 -4.39 -5.22
CA LEU B 158 9.70 -5.52 -5.74
C LEU B 158 10.42 -6.05 -6.97
N MET B 159 10.22 -7.32 -7.29
CA MET B 159 10.89 -7.94 -8.43
C MET B 159 12.41 -7.73 -8.36
N GLY B 160 12.94 -7.74 -7.15
CA GLY B 160 14.37 -7.51 -7.00
C GLY B 160 15.22 -8.66 -6.49
N VAL B 161 14.70 -9.87 -6.53
CA VAL B 161 15.45 -11.02 -6.06
C VAL B 161 16.61 -11.45 -6.95
N GLY B 162 16.31 -11.76 -8.21
CA GLY B 162 17.35 -12.18 -9.14
C GLY B 162 18.49 -11.18 -9.25
N ARG B 163 18.17 -9.91 -9.06
CA ARG B 163 19.19 -8.87 -9.15
C ARG B 163 19.55 -8.23 -7.82
N ARG B 164 19.34 -8.95 -6.72
CA ARG B 164 19.65 -8.40 -5.42
C ARG B 164 21.09 -7.91 -5.23
N VAL B 165 22.06 -8.63 -5.79
CA VAL B 165 23.45 -8.22 -5.63
C VAL B 165 23.70 -6.88 -6.31
N TRP B 166 23.28 -6.78 -7.57
CA TRP B 166 23.46 -5.52 -8.29
C TRP B 166 22.71 -4.38 -7.63
N ILE B 167 21.46 -4.63 -7.23
CA ILE B 167 20.67 -3.59 -6.58
C ILE B 167 21.33 -3.11 -5.29
N ALA B 168 21.83 -4.05 -4.49
CA ALA B 168 22.47 -3.67 -3.23
C ALA B 168 23.77 -2.89 -3.46
N LYS B 169 24.62 -3.39 -4.37
CA LYS B 169 25.88 -2.71 -4.66
C LYS B 169 25.62 -1.28 -5.09
N GLU B 170 24.59 -1.12 -5.90
CA GLU B 170 24.18 0.19 -6.42
C GLU B 170 23.64 1.10 -5.31
N LEU B 171 22.82 0.55 -4.42
CA LEU B 171 22.28 1.34 -3.33
C LEU B 171 23.44 1.77 -2.42
N LEU B 172 24.41 0.88 -2.26
CA LEU B 172 25.60 1.18 -1.45
C LEU B 172 26.42 2.29 -2.13
N ARG B 173 26.44 2.29 -3.46
CA ARG B 173 27.15 3.30 -4.22
C ARG B 173 26.46 4.63 -4.03
N LEU B 174 25.14 4.58 -4.06
CA LEU B 174 24.31 5.75 -3.90
C LEU B 174 24.28 6.27 -2.47
N GLY B 175 24.99 5.59 -1.57
CA GLY B 175 25.05 6.08 -0.20
C GLY B 175 24.34 5.46 0.97
N ARG B 176 23.62 4.34 0.79
CA ARG B 176 22.95 3.76 1.96
C ARG B 176 23.94 3.07 2.87
N ASP B 177 23.61 3.04 4.15
CA ASP B 177 24.46 2.41 5.15
C ASP B 177 24.63 0.92 4.89
N PRO B 178 25.87 0.49 4.65
CA PRO B 178 26.15 -0.93 4.40
C PRO B 178 25.72 -1.85 5.55
N ARG B 179 25.52 -1.28 6.74
CA ARG B 179 25.12 -2.04 7.92
C ARG B 179 23.62 -2.01 8.15
N GLU B 180 22.92 -1.29 7.29
CA GLU B 180 21.48 -1.14 7.36
C GLU B 180 20.76 -2.48 7.38
N PRO B 181 19.79 -2.66 8.29
CA PRO B 181 19.08 -3.94 8.34
C PRO B 181 18.06 -4.00 7.19
N THR B 182 17.96 -5.15 6.54
CA THR B 182 16.98 -5.30 5.48
C THR B 182 16.28 -6.63 5.72
N LEU B 183 15.08 -6.74 5.15
CA LEU B 183 14.30 -7.95 5.30
C LEU B 183 13.73 -8.40 3.96
N PHE B 184 13.87 -9.69 3.66
CA PHE B 184 13.31 -10.24 2.45
C PHE B 184 12.13 -11.05 2.99
N VAL B 185 10.98 -10.97 2.34
CA VAL B 185 9.83 -11.77 2.76
C VAL B 185 9.31 -12.49 1.54
N GLU B 186 9.55 -13.79 1.47
CA GLU B 186 9.08 -14.57 0.34
C GLU B 186 7.61 -14.90 0.59
N ARG B 187 6.82 -14.93 -0.48
CA ARG B 187 5.40 -15.27 -0.42
C ARG B 187 4.66 -14.83 0.85
N ALA B 188 4.71 -13.53 1.10
CA ALA B 188 4.05 -12.95 2.25
C ALA B 188 2.57 -13.35 2.27
N SER B 189 2.04 -13.52 3.48
CA SER B 189 0.65 -13.88 3.75
C SER B 189 0.22 -15.30 3.39
N THR B 190 1.16 -16.13 2.94
CA THR B 190 0.84 -17.52 2.56
C THR B 190 1.52 -18.46 3.57
N PRO B 191 1.24 -19.76 3.48
CA PRO B 191 1.89 -20.67 4.45
C PRO B 191 3.37 -20.95 4.12
N LYS B 192 3.81 -20.44 2.98
CA LYS B 192 5.19 -20.62 2.57
C LYS B 192 5.98 -19.34 2.83
N GLU B 193 5.39 -18.43 3.59
CA GLU B 193 6.03 -17.16 3.90
C GLU B 193 7.34 -17.45 4.63
N ARG B 194 8.42 -16.84 4.15
CA ARG B 194 9.74 -17.03 4.76
C ARG B 194 10.43 -15.69 4.80
N ARG B 195 10.83 -15.28 6.01
CA ARG B 195 11.51 -14.01 6.18
C ARG B 195 13.00 -14.25 6.28
N VAL B 196 13.76 -13.46 5.55
CA VAL B 196 15.22 -13.57 5.54
C VAL B 196 15.78 -12.22 5.90
N HIS B 197 16.44 -12.15 7.05
CA HIS B 197 17.03 -10.89 7.49
C HIS B 197 18.46 -10.83 7.00
N ALA B 198 18.91 -9.63 6.65
CA ALA B 198 20.27 -9.44 6.20
C ALA B 198 20.56 -7.98 6.19
N ARG B 199 21.83 -7.65 6.30
CA ARG B 199 22.22 -6.27 6.25
C ARG B 199 22.50 -6.01 4.78
N LEU B 200 22.38 -4.76 4.38
CA LEU B 200 22.59 -4.41 2.98
C LEU B 200 23.91 -4.98 2.47
N GLU B 201 24.99 -4.74 3.22
CA GLU B 201 26.30 -5.21 2.80
C GLU B 201 26.31 -6.71 2.54
N GLU B 202 25.59 -7.47 3.37
CA GLU B 202 25.54 -8.91 3.18
C GLU B 202 24.90 -9.27 1.84
N VAL B 203 23.91 -8.49 1.43
CA VAL B 203 23.22 -8.73 0.16
C VAL B 203 24.16 -8.41 -1.00
N ALA B 204 24.91 -7.31 -0.86
CA ALA B 204 25.85 -6.90 -1.90
C ALA B 204 27.01 -7.91 -2.04
N GLU B 205 27.35 -8.60 -0.96
CA GLU B 205 28.44 -9.57 -1.00
C GLU B 205 27.96 -10.91 -1.55
N GLY B 206 26.70 -10.95 -1.99
CA GLY B 206 26.12 -12.17 -2.55
C GLY B 206 25.97 -13.33 -1.56
N LYS B 207 25.73 -13.00 -0.30
CA LYS B 207 25.61 -14.03 0.72
C LYS B 207 24.20 -14.48 1.08
N VAL B 208 23.21 -13.72 0.63
CA VAL B 208 21.82 -14.02 0.98
C VAL B 208 21.03 -14.85 -0.03
N GLU B 209 20.53 -15.99 0.44
CA GLU B 209 19.72 -16.89 -0.39
C GLU B 209 18.24 -16.48 -0.28
N VAL B 210 17.66 -16.08 -1.40
CA VAL B 210 16.25 -15.69 -1.47
C VAL B 210 15.72 -16.11 -2.84
N ARG B 211 14.46 -16.52 -2.87
CA ARG B 211 13.80 -16.90 -4.13
C ARG B 211 12.56 -16.03 -4.32
N PRO B 212 12.21 -15.73 -5.58
CA PRO B 212 11.02 -14.92 -5.83
C PRO B 212 9.77 -15.82 -5.73
N PRO B 213 8.58 -15.23 -5.53
CA PRO B 213 8.39 -13.79 -5.39
C PRO B 213 8.66 -13.34 -3.96
N ALA B 214 9.40 -12.25 -3.83
CA ALA B 214 9.71 -11.72 -2.52
C ALA B 214 9.65 -10.22 -2.43
N LEU B 215 9.24 -9.79 -1.24
CA LEU B 215 9.11 -8.43 -0.81
C LEU B 215 10.48 -8.13 -0.20
N TRP B 216 11.13 -7.05 -0.61
CA TRP B 216 12.45 -6.70 -0.04
C TRP B 216 12.36 -5.31 0.62
N ILE B 217 12.45 -5.29 1.95
CA ILE B 217 12.38 -4.02 2.68
C ILE B 217 13.72 -3.58 3.32
N LEU B 218 14.13 -2.34 3.04
CA LEU B 218 15.37 -1.79 3.58
C LEU B 218 15.09 -0.59 4.50
N GLY B 219 15.69 -0.58 5.69
CA GLY B 219 15.48 0.53 6.60
C GLY B 219 15.39 0.10 8.04
N GLU B 220 15.58 1.04 8.97
CA GLU B 220 15.52 0.70 10.39
C GLU B 220 14.18 0.10 10.83
N VAL B 221 13.07 0.47 10.20
CA VAL B 221 11.75 -0.08 10.57
C VAL B 221 11.68 -1.61 10.68
N VAL B 222 12.52 -2.30 9.91
CA VAL B 222 12.61 -3.75 9.85
C VAL B 222 12.73 -4.37 11.26
N ARG B 223 13.45 -3.62 12.05
CA ARG B 223 13.87 -3.85 13.41
C ARG B 223 12.99 -3.40 14.56
N VAL B 224 11.94 -2.63 14.27
CA VAL B 224 11.06 -2.13 15.32
C VAL B 224 10.49 -3.10 16.33
N PHE B 225 9.97 -4.24 15.89
CA PHE B 225 9.37 -5.19 16.83
C PHE B 225 10.32 -6.25 17.41
N ALA B 226 11.62 -6.10 17.20
CA ALA B 226 12.57 -7.08 17.73
C ALA B 226 12.80 -6.87 19.21
N GLU B 227 12.79 -7.96 19.99
CA GLU B 227 13.02 -7.88 21.43
C GLU B 227 14.38 -7.23 21.71
N LYS B 228 14.52 -6.68 22.91
CA LYS B 228 15.75 -6.03 23.33
C LYS B 228 16.80 -7.01 23.83
N GLU B 229 16.38 -7.87 24.76
CA GLU B 229 17.28 -8.84 25.37
C GLU B 229 17.70 -10.00 24.45
N ALA B 230 17.06 -10.12 23.28
CA ALA B 230 17.40 -11.21 22.34
C ALA B 230 16.79 -11.02 20.94
N PRO B 231 17.38 -11.67 19.92
CA PRO B 231 16.88 -11.56 18.55
C PRO B 231 15.56 -12.33 18.41
N VAL B 232 14.51 -11.79 19.02
CA VAL B 232 13.19 -12.42 18.99
C VAL B 232 12.14 -11.51 18.35
N ASP B 233 11.36 -12.07 17.43
CA ASP B 233 10.30 -11.32 16.74
C ASP B 233 9.10 -11.24 17.67
N ALA B 234 9.03 -10.17 18.47
CA ALA B 234 7.95 -9.99 19.43
C ALA B 234 6.56 -10.17 18.80
N LEU B 235 6.39 -9.67 17.57
CA LEU B 235 5.10 -9.77 16.88
C LEU B 235 4.79 -11.12 16.24
N ALA B 236 5.83 -11.89 15.91
CA ALA B 236 5.60 -13.19 15.30
C ALA B 236 5.15 -14.13 16.40
N LEU B 237 5.63 -13.86 17.61
CA LEU B 237 5.31 -14.66 18.78
C LEU B 237 4.41 -13.88 19.75
CAC FLC C . -3.49 16.25 9.93
CA FLC C . -4.78 16.12 9.18
CB FLC C . -5.16 17.44 8.45
CBC FLC C . -6.39 18.30 8.94
CG FLC C . -5.42 17.17 6.91
CGC FLC C . -4.61 18.19 6.01
OA1 FLC C . -2.49 15.65 9.42
OA2 FLC C . -3.41 16.88 10.93
OB1 FLC C . -6.42 19.48 9.34
OB2 FLC C . -7.38 17.50 8.87
OG1 FLC C . -4.31 19.37 6.23
OG2 FLC C . -4.25 17.56 4.92
OHB FLC C . -4.12 18.41 8.59
N SAH D . -3.30 4.75 6.92
CA SAH D . -4.14 5.54 5.99
CB SAH D . -3.58 7.02 6.05
CG SAH D . -3.76 7.77 7.44
SD SAH D . -3.08 9.43 7.38
C SAH D . -4.07 4.91 4.58
O SAH D . -3.34 3.83 4.37
OXT SAH D . -4.75 5.45 3.63
C5' SAH D . -4.62 10.33 6.84
C4' SAH D . -4.51 10.86 5.43
O4' SAH D . -4.85 9.83 4.49
C3' SAH D . -5.44 12.02 5.00
O3' SAH D . -4.92 13.31 5.38
C2' SAH D . -5.50 11.86 3.49
O2' SAH D . -4.37 12.46 2.84
C1' SAH D . -5.45 10.33 3.31
N9 SAH D . -6.75 9.71 3.17
C8 SAH D . -7.39 8.78 4.00
N7 SAH D . -8.58 8.44 3.49
C5 SAH D . -8.71 9.15 2.32
C6 SAH D . -9.72 9.27 1.34
N6 SAH D . -10.84 8.54 1.43
N1 SAH D . -9.54 10.11 0.25
C2 SAH D . -8.38 10.83 0.18
N3 SAH D . -7.35 10.81 1.07
C4 SAH D . -7.59 9.97 2.12
CAC FLC E . 11.48 -10.51 -13.79
CA FLC E . 11.71 -10.31 -12.33
CB FLC E . 11.73 -11.65 -11.54
CBC FLC E . 10.75 -12.83 -11.85
CG FLC E . 11.50 -11.38 -10.00
CGC FLC E . 12.84 -11.35 -9.18
OA1 FLC E . 12.43 -11.04 -14.46
OA2 FLC E . 10.46 -10.17 -14.30
OB1 FLC E . 10.98 -14.00 -12.16
OB2 FLC E . 9.60 -12.28 -11.72
OG1 FLC E . 13.99 -11.73 -9.51
OG2 FLC E . 12.57 -10.83 -8.03
OHB FLC E . 13.00 -12.31 -11.73
N SAH F . 0.70 -5.35 -8.14
CA SAH F . 1.35 -6.30 -7.21
CB SAH F . 2.85 -6.36 -7.68
CG SAH F . 3.11 -7.14 -9.02
SD SAH F . 4.86 -7.12 -9.44
C SAH F . 1.18 -5.82 -5.77
O SAH F . 0.54 -4.72 -5.51
OXT SAH F . 1.68 -6.52 -4.81
C5' SAH F . 5.32 -8.77 -8.75
C4' SAH F . 6.23 -8.65 -7.54
O4' SAH F . 5.41 -8.36 -6.36
C3' SAH F . 7.00 -9.91 -7.10
O3' SAH F . 8.23 -10.10 -7.81
C2' SAH F . 7.24 -9.65 -5.62
O2' SAH F . 8.35 -8.73 -5.44
C1' SAH F . 5.96 -8.94 -5.18
N9 SAH F . 4.93 -9.82 -4.61
C8 SAH F . 3.63 -10.05 -5.04
N7 SAH F . 2.96 -10.86 -4.18
C5 SAH F . 3.89 -11.17 -3.20
C6 SAH F . 3.85 -11.94 -2.01
N6 SAH F . 2.75 -12.58 -1.64
N1 SAH F . 4.98 -12.06 -1.23
C2 SAH F . 6.10 -11.40 -1.61
N3 SAH F . 6.25 -10.62 -2.71
C4 SAH F . 5.12 -10.54 -3.45
#